data_2J4R
#
_entry.id   2J4R
#
_cell.length_a   70.460
_cell.length_b   70.460
_cell.length_c   223.710
_cell.angle_alpha   90.00
_cell.angle_beta   90.00
_cell.angle_gamma   120.00
#
_symmetry.space_group_name_H-M   'P 32 2 1'
#
loop_
_entity.id
_entity.type
_entity.pdbx_description
1 polymer EXOPOLYPHOSPHATASE
2 non-polymer "GUANOSINE-5',3'-TETRAPHOSPHATE"
3 water water
#
_entity_poly.entity_id   1
_entity_poly.type   'polypeptide(L)'
_entity_poly.pdbx_seq_one_letter_code
;GSHMPIMRVASIDIGSNSVRLTIAQIKDGKLSIILERGRITSLGTKVKETGRLQEDRIEETIQVLKEYKKLIDEFKVERV
KAVATEAIRRAKNAEEFLERVKREVGLVVEVITPEQEGRYAYLAVAYSLKPEGEVCVVDQGGGSTEYVFGKGYKVREVIS
LPIGIVNLTETFFKQDPPTEEEVKRFFEFLEKELSKVKKPVDTIVGLGGTITTLAALEYNVYPYDPQKVHGKVLTYGQIK
KWFDTFKEIPSEERSKRFRQVEDRRAKVILAGIGIFLKTLEIFEKDCLIVSDWGLREGVLVSEVLKEN
;
_entity_poly.pdbx_strand_id   A,B
#
loop_
_chem_comp.id
_chem_comp.type
_chem_comp.name
_chem_comp.formula
G4P RNA linking GUANOSINE-5',3'-TETRAPHOSPHATE 'C10 H17 N5 O17 P4'
#
# COMPACT_ATOMS: atom_id res chain seq x y z
N PRO A 5 -3.96 -27.68 19.38
CA PRO A 5 -4.64 -27.73 18.07
C PRO A 5 -3.78 -27.06 17.00
N ILE A 6 -2.78 -26.31 17.44
CA ILE A 6 -1.90 -25.60 16.51
C ILE A 6 -1.09 -26.55 15.63
N MET A 7 -1.19 -26.34 14.33
CA MET A 7 -0.48 -27.15 13.34
C MET A 7 0.57 -26.30 12.63
N ARG A 8 1.82 -26.78 12.66
CA ARG A 8 2.91 -26.05 12.01
C ARG A 8 3.32 -26.73 10.71
N VAL A 9 3.69 -25.90 9.74
CA VAL A 9 4.10 -26.39 8.44
C VAL A 9 5.38 -25.69 7.98
N ALA A 10 6.03 -26.25 6.99
CA ALA A 10 7.25 -25.67 6.46
C ALA A 10 7.39 -26.05 5.01
N SER A 11 8.09 -25.20 4.27
CA SER A 11 8.32 -25.43 2.87
C SER A 11 9.79 -25.18 2.60
N ILE A 12 10.34 -25.92 1.64
CA ILE A 12 11.73 -25.75 1.26
C ILE A 12 11.81 -25.72 -0.23
N ASP A 13 12.25 -24.59 -0.75
CA ASP A 13 12.39 -24.42 -2.17
C ASP A 13 13.85 -24.49 -2.60
N ILE A 14 14.17 -25.44 -3.46
CA ILE A 14 15.54 -25.57 -3.95
C ILE A 14 15.59 -24.92 -5.32
N GLY A 15 16.06 -23.67 -5.35
CA GLY A 15 16.14 -22.93 -6.59
C GLY A 15 17.41 -23.22 -7.34
N SER A 16 17.65 -22.48 -8.41
CA SER A 16 18.86 -22.70 -9.20
C SER A 16 20.06 -22.03 -8.56
N ASN A 17 19.79 -21.16 -7.59
CA ASN A 17 20.87 -20.44 -6.94
C ASN A 17 20.72 -20.41 -5.43
N SER A 18 19.48 -20.49 -4.96
CA SER A 18 19.24 -20.47 -3.53
C SER A 18 18.42 -21.65 -3.03
N VAL A 19 18.44 -21.80 -1.72
CA VAL A 19 17.70 -22.85 -1.05
C VAL A 19 16.97 -22.10 0.05
N ARG A 20 15.65 -22.27 0.13
CA ARG A 20 14.87 -21.55 1.12
C ARG A 20 13.99 -22.40 2.00
N LEU A 21 13.87 -21.99 3.26
CA LEU A 21 13.07 -22.67 4.26
C LEU A 21 12.07 -21.68 4.85
N THR A 22 10.86 -22.16 5.13
CA THR A 22 9.80 -21.31 5.68
C THR A 22 8.81 -22.13 6.52
N ILE A 23 8.97 -22.08 7.83
CA ILE A 23 8.07 -22.81 8.73
C ILE A 23 7.00 -21.86 9.28
N ALA A 24 5.75 -22.32 9.26
CA ALA A 24 4.61 -21.53 9.75
C ALA A 24 3.60 -22.43 10.47
N GLN A 25 2.54 -21.83 11.00
CA GLN A 25 1.52 -22.60 11.72
C GLN A 25 0.16 -21.91 11.73
N ILE A 26 -0.87 -22.68 12.00
CA ILE A 26 -2.22 -22.14 12.02
C ILE A 26 -2.82 -22.15 13.42
N LYS A 27 -3.22 -20.98 13.88
CA LYS A 27 -3.87 -20.83 15.19
C LYS A 27 -5.23 -21.51 15.04
N ASP A 28 -6.21 -20.70 14.66
CA ASP A 28 -7.57 -21.16 14.41
C ASP A 28 -7.78 -20.92 12.93
N GLY A 29 -7.79 -19.64 12.54
CA GLY A 29 -7.97 -19.31 11.14
C GLY A 29 -6.75 -18.68 10.49
N LYS A 30 -5.88 -18.09 11.29
CA LYS A 30 -4.68 -17.43 10.76
C LYS A 30 -3.44 -18.30 10.61
N LEU A 31 -2.67 -17.97 9.58
CA LEU A 31 -1.43 -18.64 9.24
C LEU A 31 -0.36 -17.56 9.31
N SER A 32 0.74 -17.86 9.99
CA SER A 32 1.83 -16.88 10.13
C SER A 32 3.23 -17.49 10.01
N ILE A 33 4.14 -16.69 9.46
CA ILE A 33 5.52 -17.10 9.27
C ILE A 33 6.32 -16.86 10.54
N ILE A 34 6.95 -17.92 11.04
CA ILE A 34 7.76 -17.79 12.25
C ILE A 34 9.25 -17.74 11.97
N LEU A 35 9.66 -18.06 10.75
CA LEU A 35 11.06 -18.02 10.40
C LEU A 35 11.27 -18.22 8.90
N GLU A 36 12.29 -17.55 8.37
CA GLU A 36 12.59 -17.65 6.96
C GLU A 36 14.10 -17.64 6.77
N ARG A 37 14.67 -18.79 6.41
CA ARG A 37 16.10 -18.87 6.17
C ARG A 37 16.40 -19.17 4.69
N GLY A 38 17.59 -18.77 4.24
CA GLY A 38 17.93 -19.02 2.86
C GLY A 38 19.43 -18.96 2.62
N ARG A 39 19.95 -19.91 1.86
CA ARG A 39 21.38 -19.91 1.56
C ARG A 39 21.63 -20.14 0.09
N ILE A 40 22.69 -19.50 -0.41
CA ILE A 40 23.08 -19.60 -1.81
C ILE A 40 24.07 -20.73 -2.02
N THR A 41 23.71 -21.65 -2.89
CA THR A 41 24.55 -22.81 -3.21
C THR A 41 24.82 -22.79 -4.71
N SER A 42 23.92 -22.12 -5.44
CA SER A 42 24.03 -22.00 -6.88
C SER A 42 24.06 -23.40 -7.48
N LEU A 43 23.07 -24.21 -7.09
CA LEU A 43 22.96 -25.58 -7.56
C LEU A 43 22.82 -25.64 -9.07
N GLY A 44 22.36 -24.54 -9.66
CA GLY A 44 22.19 -24.50 -11.10
C GLY A 44 23.43 -24.25 -11.93
N THR A 45 24.52 -23.86 -11.30
CA THR A 45 25.77 -23.56 -12.02
C THR A 45 26.13 -24.46 -13.20
N LYS A 46 26.32 -23.83 -14.35
CA LYS A 46 26.72 -24.45 -15.61
C LYS A 46 25.92 -25.68 -16.05
N VAL A 47 24.71 -25.83 -15.52
CA VAL A 47 23.89 -26.97 -15.88
C VAL A 47 23.63 -27.07 -17.38
N LYS A 48 23.18 -25.97 -17.98
CA LYS A 48 22.87 -25.93 -19.40
C LYS A 48 24.02 -26.38 -20.31
N GLU A 49 25.22 -25.83 -20.08
CA GLU A 49 26.36 -26.19 -20.92
C GLU A 49 26.95 -27.56 -20.68
N THR A 50 26.96 -28.00 -19.42
CA THR A 50 27.52 -29.31 -19.11
C THR A 50 26.49 -30.43 -19.13
N GLY A 51 25.24 -30.09 -18.83
CA GLY A 51 24.20 -31.10 -18.77
C GLY A 51 24.50 -31.89 -17.52
N ARG A 52 24.97 -31.17 -16.51
CA ARG A 52 25.36 -31.79 -15.25
C ARG A 52 25.22 -30.87 -14.05
N LEU A 53 25.07 -31.48 -12.88
CA LEU A 53 24.97 -30.78 -11.61
C LEU A 53 26.37 -30.90 -11.00
N GLN A 54 27.06 -29.79 -10.79
CA GLN A 54 28.40 -29.85 -10.21
C GLN A 54 28.36 -30.51 -8.83
N GLU A 55 29.28 -31.46 -8.62
CA GLU A 55 29.35 -32.20 -7.36
C GLU A 55 29.50 -31.34 -6.10
N ASP A 56 30.37 -30.34 -6.15
CA ASP A 56 30.56 -29.45 -4.99
C ASP A 56 29.26 -28.71 -4.64
N ARG A 57 28.55 -28.24 -5.66
CA ARG A 57 27.30 -27.54 -5.47
C ARG A 57 26.33 -28.48 -4.80
N ILE A 58 26.22 -29.68 -5.36
CA ILE A 58 25.31 -30.68 -4.83
C ILE A 58 25.69 -30.91 -3.38
N GLU A 59 26.99 -30.97 -3.15
CA GLU A 59 27.53 -31.19 -1.82
C GLU A 59 27.11 -30.06 -0.88
N GLU A 60 27.34 -28.83 -1.31
CA GLU A 60 26.99 -27.65 -0.54
C GLU A 60 25.50 -27.62 -0.22
N THR A 61 24.68 -27.87 -1.25
CA THR A 61 23.22 -27.87 -1.11
C THR A 61 22.74 -28.92 -0.10
N ILE A 62 23.25 -30.15 -0.23
CA ILE A 62 22.86 -31.22 0.68
C ILE A 62 23.11 -30.87 2.14
N GLN A 63 24.26 -30.24 2.40
CA GLN A 63 24.62 -29.85 3.76
C GLN A 63 23.60 -28.87 4.31
N VAL A 64 23.20 -27.91 3.49
CA VAL A 64 22.20 -26.93 3.88
C VAL A 64 20.84 -27.61 4.14
N LEU A 65 20.45 -28.53 3.25
CA LEU A 65 19.20 -29.26 3.41
C LEU A 65 19.14 -29.91 4.78
N LYS A 66 20.25 -30.51 5.18
CA LYS A 66 20.31 -31.15 6.48
C LYS A 66 20.21 -30.06 7.53
N GLU A 67 21.05 -29.04 7.37
CA GLU A 67 21.07 -27.91 8.29
C GLU A 67 19.63 -27.46 8.46
N TYR A 68 18.87 -27.45 7.37
CA TYR A 68 17.47 -27.05 7.41
C TYR A 68 16.56 -28.01 8.16
N LYS A 69 16.60 -29.28 7.80
CA LYS A 69 15.73 -30.26 8.47
C LYS A 69 15.95 -30.28 9.96
N LYS A 70 17.12 -29.82 10.40
CA LYS A 70 17.41 -29.76 11.83
C LYS A 70 16.36 -28.87 12.50
N LEU A 71 16.00 -27.78 11.81
CA LEU A 71 15.02 -26.82 12.29
C LEU A 71 13.61 -27.36 12.12
N ILE A 72 13.34 -27.93 10.95
CA ILE A 72 12.02 -28.49 10.68
C ILE A 72 11.64 -29.35 11.88
N ASP A 73 12.32 -30.49 12.00
CA ASP A 73 12.10 -31.45 13.07
C ASP A 73 12.04 -30.77 14.42
N GLU A 74 12.92 -29.80 14.62
CA GLU A 74 12.99 -29.05 15.86
C GLU A 74 11.60 -28.51 16.21
N PHE A 75 11.00 -27.74 15.30
CA PHE A 75 9.68 -27.19 15.54
C PHE A 75 8.64 -28.26 15.29
N LYS A 76 9.13 -29.49 15.17
CA LYS A 76 8.29 -30.66 14.93
C LYS A 76 7.08 -30.36 14.05
N VAL A 77 7.29 -29.57 13.01
CA VAL A 77 6.22 -29.24 12.08
C VAL A 77 5.69 -30.51 11.43
N GLU A 78 4.44 -30.85 11.72
CA GLU A 78 3.82 -32.07 11.19
C GLU A 78 3.33 -32.03 9.75
N ARG A 79 4.04 -31.31 8.89
CA ARG A 79 3.66 -31.19 7.48
C ARG A 79 4.75 -30.43 6.76
N VAL A 80 5.49 -31.13 5.90
CA VAL A 80 6.57 -30.50 5.18
C VAL A 80 6.62 -30.90 3.72
N LYS A 81 6.71 -29.88 2.85
CA LYS A 81 6.79 -30.10 1.42
C LYS A 81 8.06 -29.41 0.92
N ALA A 82 8.70 -30.00 -0.08
CA ALA A 82 9.93 -29.46 -0.65
C ALA A 82 9.87 -29.56 -2.17
N VAL A 83 10.14 -28.46 -2.85
CA VAL A 83 10.13 -28.48 -4.30
C VAL A 83 11.46 -28.01 -4.87
N ALA A 84 11.61 -28.17 -6.19
CA ALA A 84 12.83 -27.75 -6.89
C ALA A 84 12.53 -27.26 -8.32
N THR A 85 13.37 -26.36 -8.82
CA THR A 85 13.21 -25.83 -10.20
C THR A 85 13.32 -26.95 -11.18
N GLU A 86 12.67 -26.84 -12.32
CA GLU A 86 12.80 -27.90 -13.30
C GLU A 86 14.10 -27.67 -14.04
N ALA A 87 14.70 -26.49 -13.82
CA ALA A 87 15.97 -26.15 -14.44
C ALA A 87 16.98 -27.27 -14.17
N ILE A 88 16.92 -27.88 -12.98
CA ILE A 88 17.84 -28.96 -12.64
C ILE A 88 17.52 -30.26 -13.36
N ARG A 89 16.41 -30.27 -14.09
CA ARG A 89 15.98 -31.46 -14.80
C ARG A 89 16.88 -31.79 -15.98
N ARG A 90 17.64 -30.80 -16.46
CA ARG A 90 18.55 -30.99 -17.57
C ARG A 90 19.81 -31.73 -17.16
N ALA A 91 19.94 -32.03 -15.87
CA ALA A 91 21.12 -32.72 -15.39
C ALA A 91 20.87 -34.21 -15.27
N LYS A 92 21.80 -35.01 -15.79
CA LYS A 92 21.69 -36.47 -15.70
C LYS A 92 21.64 -36.87 -14.23
N ASN A 93 22.49 -36.27 -13.43
CA ASN A 93 22.51 -36.58 -12.01
C ASN A 93 21.37 -35.94 -11.20
N ALA A 94 20.38 -35.41 -11.90
CA ALA A 94 19.23 -34.78 -11.25
C ALA A 94 18.46 -35.80 -10.40
N GLU A 95 18.20 -36.99 -10.95
CA GLU A 95 17.50 -38.02 -10.21
C GLU A 95 18.40 -38.57 -9.10
N GLU A 96 19.68 -38.71 -9.42
CA GLU A 96 20.64 -39.20 -8.46
C GLU A 96 20.66 -38.26 -7.27
N PHE A 97 20.67 -36.98 -7.55
CA PHE A 97 20.64 -35.97 -6.50
C PHE A 97 19.39 -36.21 -5.64
N LEU A 98 18.23 -36.12 -6.28
CA LEU A 98 16.95 -36.33 -5.60
C LEU A 98 17.00 -37.55 -4.69
N GLU A 99 17.69 -38.59 -5.15
CA GLU A 99 17.85 -39.80 -4.38
C GLU A 99 18.60 -39.53 -3.08
N ARG A 100 19.81 -38.99 -3.20
CA ARG A 100 20.65 -38.67 -2.04
C ARG A 100 19.91 -37.87 -0.99
N VAL A 101 19.19 -36.86 -1.43
CA VAL A 101 18.43 -36.02 -0.52
C VAL A 101 17.46 -36.88 0.24
N LYS A 102 16.92 -37.89 -0.43
CA LYS A 102 15.96 -38.77 0.21
C LYS A 102 16.52 -39.50 1.41
N ARG A 103 17.63 -40.19 1.24
CA ARG A 103 18.22 -40.94 2.35
C ARG A 103 19.19 -40.19 3.24
N GLU A 104 20.02 -39.34 2.66
CA GLU A 104 20.97 -38.57 3.46
C GLU A 104 20.26 -37.54 4.33
N VAL A 105 19.23 -36.90 3.80
CA VAL A 105 18.50 -35.90 4.56
C VAL A 105 17.10 -36.37 4.90
N GLY A 106 16.70 -37.50 4.33
CA GLY A 106 15.38 -38.02 4.59
C GLY A 106 14.34 -36.99 4.15
N LEU A 107 14.42 -36.58 2.89
CA LEU A 107 13.50 -35.58 2.36
C LEU A 107 13.05 -35.86 0.93
N VAL A 108 11.75 -35.81 0.69
CA VAL A 108 11.23 -36.06 -0.66
C VAL A 108 11.04 -34.76 -1.43
N VAL A 109 11.84 -34.57 -2.47
CA VAL A 109 11.76 -33.35 -3.26
C VAL A 109 11.00 -33.50 -4.56
N GLU A 110 9.97 -32.69 -4.74
CA GLU A 110 9.21 -32.73 -5.98
C GLU A 110 9.66 -31.63 -6.93
N VAL A 111 10.09 -32.01 -8.12
CA VAL A 111 10.50 -31.00 -9.10
C VAL A 111 9.18 -30.51 -9.63
N ILE A 112 9.07 -29.20 -9.85
CA ILE A 112 7.81 -28.65 -10.36
C ILE A 112 8.05 -27.72 -11.54
N THR A 113 7.04 -27.60 -12.39
CA THR A 113 7.10 -26.76 -13.57
C THR A 113 6.91 -25.29 -13.26
N PRO A 114 7.18 -24.42 -14.25
CA PRO A 114 7.03 -22.97 -14.08
C PRO A 114 5.54 -22.64 -13.93
N GLU A 115 4.68 -23.53 -14.42
CA GLU A 115 3.25 -23.33 -14.31
C GLU A 115 2.82 -23.70 -12.90
N GLN A 116 3.38 -24.78 -12.37
CA GLN A 116 3.06 -25.23 -11.03
C GLN A 116 3.40 -24.15 -10.04
N GLU A 117 4.59 -23.60 -10.18
CA GLU A 117 5.01 -22.52 -9.28
C GLU A 117 4.01 -21.39 -9.36
N GLY A 118 3.51 -21.13 -10.57
CA GLY A 118 2.51 -20.10 -10.74
C GLY A 118 1.29 -20.45 -9.90
N ARG A 119 0.88 -21.71 -9.99
CA ARG A 119 -0.26 -22.16 -9.22
C ARG A 119 -0.02 -21.95 -7.72
N TYR A 120 1.16 -22.32 -7.23
CA TYR A 120 1.47 -22.11 -5.81
C TYR A 120 1.43 -20.63 -5.44
N ALA A 121 2.14 -19.80 -6.21
CA ALA A 121 2.16 -18.35 -5.97
C ALA A 121 0.74 -17.80 -5.87
N TYR A 122 -0.09 -18.17 -6.84
CA TYR A 122 -1.48 -17.76 -6.90
C TYR A 122 -2.22 -18.07 -5.60
N LEU A 123 -1.96 -19.24 -5.04
CA LEU A 123 -2.59 -19.67 -3.81
C LEU A 123 -2.21 -18.79 -2.63
N ALA A 124 -0.95 -18.36 -2.63
CA ALA A 124 -0.46 -17.48 -1.58
C ALA A 124 -1.21 -16.15 -1.63
N VAL A 125 -1.57 -15.74 -2.83
CA VAL A 125 -2.26 -14.48 -3.08
C VAL A 125 -3.74 -14.58 -2.71
N ALA A 126 -4.31 -15.75 -2.88
CA ALA A 126 -5.71 -15.96 -2.56
C ALA A 126 -5.94 -15.95 -1.05
N TYR A 127 -4.88 -16.23 -0.32
CA TYR A 127 -4.96 -16.29 1.13
C TYR A 127 -4.50 -15.02 1.83
N SER A 128 -3.50 -14.37 1.25
CA SER A 128 -2.94 -13.18 1.84
C SER A 128 -3.63 -11.90 1.41
N LEU A 129 -4.30 -11.94 0.27
CA LEU A 129 -4.97 -10.76 -0.25
C LEU A 129 -6.44 -10.99 -0.48
N LYS A 130 -6.86 -12.25 -0.45
CA LYS A 130 -8.26 -12.60 -0.64
C LYS A 130 -8.92 -11.80 -1.76
N PRO A 131 -8.27 -11.72 -2.93
CA PRO A 131 -8.84 -10.97 -4.05
C PRO A 131 -10.30 -11.30 -4.39
N GLU A 132 -11.00 -10.31 -4.95
CA GLU A 132 -12.39 -10.47 -5.33
C GLU A 132 -12.56 -10.46 -6.85
N GLY A 133 -13.60 -11.16 -7.32
CA GLY A 133 -13.87 -11.25 -8.75
C GLY A 133 -12.84 -12.10 -9.47
N GLU A 134 -12.79 -11.97 -10.79
CA GLU A 134 -11.82 -12.71 -11.55
C GLU A 134 -10.48 -12.04 -11.30
N VAL A 135 -9.48 -12.84 -11.00
CA VAL A 135 -8.16 -12.32 -10.70
C VAL A 135 -7.10 -12.87 -11.62
N CYS A 136 -6.07 -12.06 -11.88
CA CYS A 136 -4.96 -12.53 -12.67
C CYS A 136 -3.68 -12.19 -11.96
N VAL A 137 -3.00 -13.22 -11.44
CA VAL A 137 -1.74 -13.02 -10.76
C VAL A 137 -0.69 -12.99 -11.85
N VAL A 138 0.09 -11.91 -11.85
CA VAL A 138 1.17 -11.75 -12.82
C VAL A 138 2.50 -11.89 -12.09
N ASP A 139 3.16 -13.05 -12.26
CA ASP A 139 4.45 -13.25 -11.60
C ASP A 139 5.61 -13.10 -12.56
N GLN A 140 6.14 -11.90 -12.60
CA GLN A 140 7.26 -11.57 -13.45
C GLN A 140 8.54 -11.97 -12.74
N GLY A 141 9.30 -12.87 -13.37
CA GLY A 141 10.54 -13.34 -12.80
C GLY A 141 11.72 -13.15 -13.74
N GLY A 142 12.87 -13.71 -13.36
CA GLY A 142 14.08 -13.58 -14.16
C GLY A 142 14.08 -14.45 -15.40
N GLY A 143 13.62 -15.69 -15.25
CA GLY A 143 13.59 -16.61 -16.37
C GLY A 143 12.35 -16.43 -17.23
N SER A 144 11.26 -15.99 -16.60
CA SER A 144 10.01 -15.81 -17.32
C SER A 144 8.93 -15.23 -16.44
N THR A 145 7.79 -14.95 -17.06
CA THR A 145 6.66 -14.41 -16.32
C THR A 145 5.48 -15.35 -16.51
N GLU A 146 4.71 -15.52 -15.45
CA GLU A 146 3.53 -16.39 -15.51
C GLU A 146 2.27 -15.60 -15.23
N TYR A 147 1.26 -15.81 -16.06
CA TYR A 147 -0.02 -15.15 -15.85
C TYR A 147 -0.94 -16.26 -15.33
N VAL A 148 -1.51 -16.06 -14.15
CA VAL A 148 -2.38 -17.07 -13.56
C VAL A 148 -3.78 -16.54 -13.32
N PHE A 149 -4.76 -17.12 -14.00
CA PHE A 149 -6.15 -16.69 -13.87
C PHE A 149 -6.96 -17.66 -13.02
N GLY A 150 -7.88 -17.09 -12.23
CA GLY A 150 -8.73 -17.89 -11.38
C GLY A 150 -9.73 -17.08 -10.58
N LYS A 151 -10.49 -17.77 -9.73
CA LYS A 151 -11.48 -17.12 -8.87
C LYS A 151 -11.27 -17.76 -7.49
N GLY A 152 -11.27 -16.94 -6.43
CA GLY A 152 -11.06 -17.51 -5.11
C GLY A 152 -9.85 -18.41 -5.14
N TYR A 153 -9.93 -19.57 -4.49
CA TYR A 153 -8.81 -20.51 -4.46
C TYR A 153 -8.82 -21.44 -5.67
N LYS A 154 -9.51 -21.01 -6.72
CA LYS A 154 -9.65 -21.81 -7.92
C LYS A 154 -8.85 -21.27 -9.11
N VAL A 155 -7.97 -22.11 -9.67
CA VAL A 155 -7.18 -21.69 -10.81
C VAL A 155 -7.78 -22.05 -12.16
N ARG A 156 -8.09 -21.03 -12.97
CA ARG A 156 -8.68 -21.21 -14.30
C ARG A 156 -7.64 -21.63 -15.32
N GLU A 157 -6.61 -20.81 -15.47
CA GLU A 157 -5.56 -21.10 -16.45
C GLU A 157 -4.22 -20.47 -16.10
N VAL A 158 -3.15 -21.14 -16.49
CA VAL A 158 -1.82 -20.61 -16.25
C VAL A 158 -1.08 -20.60 -17.56
N ILE A 159 -0.54 -19.43 -17.91
CA ILE A 159 0.23 -19.28 -19.13
C ILE A 159 1.61 -18.79 -18.71
N SER A 160 2.64 -19.41 -19.28
CA SER A 160 4.01 -19.05 -18.96
C SER A 160 4.67 -18.49 -20.21
N LEU A 161 5.06 -17.23 -20.16
CA LEU A 161 5.70 -16.58 -21.30
C LEU A 161 7.22 -16.59 -21.19
N PRO A 162 7.92 -17.04 -22.26
CA PRO A 162 9.37 -17.11 -22.31
C PRO A 162 10.08 -15.77 -22.07
N ILE A 163 9.31 -14.68 -22.01
CA ILE A 163 9.85 -13.34 -21.81
C ILE A 163 10.68 -13.12 -20.53
N GLY A 164 11.88 -13.71 -20.49
CA GLY A 164 12.74 -13.57 -19.33
C GLY A 164 13.49 -12.26 -19.30
N ILE A 165 13.27 -11.48 -18.25
CA ILE A 165 13.91 -10.18 -18.08
C ILE A 165 15.36 -10.12 -18.52
N VAL A 166 16.12 -11.18 -18.25
CA VAL A 166 17.52 -11.22 -18.63
C VAL A 166 17.72 -11.22 -20.14
N ASN A 167 17.20 -12.23 -20.81
CA ASN A 167 17.32 -12.32 -22.26
C ASN A 167 16.57 -11.18 -22.94
N LEU A 168 15.43 -10.81 -22.36
CA LEU A 168 14.65 -9.74 -22.93
C LEU A 168 15.48 -8.46 -22.86
N THR A 169 16.29 -8.34 -21.80
CA THR A 169 17.13 -7.17 -21.61
C THR A 169 18.36 -7.23 -22.51
N GLU A 170 18.84 -8.43 -22.78
CA GLU A 170 20.01 -8.59 -23.64
C GLU A 170 19.63 -8.26 -25.08
N THR A 171 18.45 -8.72 -25.48
CA THR A 171 17.95 -8.51 -26.83
C THR A 171 17.70 -7.06 -27.25
N PHE A 172 16.70 -6.43 -26.65
CA PHE A 172 16.31 -5.07 -26.98
C PHE A 172 17.17 -3.91 -26.47
N PHE A 173 17.79 -4.07 -25.31
CA PHE A 173 18.62 -3.02 -24.74
C PHE A 173 20.09 -3.29 -25.01
N LYS A 174 20.70 -2.47 -25.87
CA LYS A 174 22.10 -2.64 -26.19
C LYS A 174 22.97 -1.56 -25.55
N GLN A 175 22.32 -0.58 -24.93
CA GLN A 175 23.00 0.53 -24.27
C GLN A 175 22.44 0.73 -22.87
N ASP A 176 23.32 1.13 -21.94
CA ASP A 176 22.93 1.33 -20.56
C ASP A 176 23.17 2.76 -20.10
N PRO A 177 22.08 3.56 -19.99
CA PRO A 177 20.70 3.18 -20.28
C PRO A 177 20.45 3.02 -21.78
N PRO A 178 19.33 2.38 -22.14
CA PRO A 178 18.98 2.15 -23.54
C PRO A 178 18.52 3.39 -24.30
N THR A 179 18.48 3.27 -25.62
CA THR A 179 18.05 4.36 -26.49
C THR A 179 16.54 4.29 -26.66
N GLU A 180 15.95 5.39 -27.12
CA GLU A 180 14.51 5.46 -27.33
C GLU A 180 14.00 4.43 -28.33
N GLU A 181 14.76 4.19 -29.40
CA GLU A 181 14.32 3.21 -30.38
C GLU A 181 14.24 1.84 -29.71
N GLU A 182 15.32 1.46 -29.05
CA GLU A 182 15.40 0.19 -28.35
C GLU A 182 14.18 -0.02 -27.46
N VAL A 183 13.85 0.99 -26.65
CA VAL A 183 12.70 0.92 -25.76
C VAL A 183 11.43 0.73 -26.57
N LYS A 184 11.42 1.30 -27.76
CA LYS A 184 10.26 1.22 -28.65
C LYS A 184 10.08 -0.21 -29.20
N ARG A 185 11.16 -0.79 -29.73
CA ARG A 185 11.06 -2.16 -30.25
C ARG A 185 10.70 -3.08 -29.09
N PHE A 186 11.18 -2.71 -27.90
CA PHE A 186 10.92 -3.45 -26.69
C PHE A 186 9.42 -3.54 -26.43
N PHE A 187 8.74 -2.40 -26.55
CA PHE A 187 7.31 -2.36 -26.32
C PHE A 187 6.49 -2.93 -27.46
N GLU A 188 7.01 -2.86 -28.68
CA GLU A 188 6.27 -3.44 -29.80
C GLU A 188 6.20 -4.93 -29.48
N PHE A 189 7.36 -5.49 -29.19
CA PHE A 189 7.47 -6.90 -28.85
C PHE A 189 6.54 -7.22 -27.70
N LEU A 190 6.78 -6.59 -26.57
CA LEU A 190 5.96 -6.81 -25.38
C LEU A 190 4.49 -6.86 -25.79
N GLU A 191 4.09 -5.94 -26.67
CA GLU A 191 2.72 -5.87 -27.16
C GLU A 191 2.30 -7.15 -27.85
N LYS A 192 3.06 -7.54 -28.86
CA LYS A 192 2.79 -8.75 -29.60
C LYS A 192 2.59 -9.93 -28.65
N GLU A 193 3.60 -10.19 -27.84
CA GLU A 193 3.55 -11.31 -26.91
C GLU A 193 2.50 -11.22 -25.82
N LEU A 194 2.22 -10.02 -25.34
CA LEU A 194 1.26 -9.85 -24.26
C LEU A 194 -0.20 -9.91 -24.67
N SER A 195 -0.50 -9.52 -25.90
CA SER A 195 -1.87 -9.53 -26.38
C SER A 195 -2.42 -10.94 -26.35
N LYS A 196 -1.53 -11.91 -26.29
CA LYS A 196 -1.93 -13.31 -26.26
C LYS A 196 -2.57 -13.74 -24.95
N VAL A 197 -2.28 -13.06 -23.86
CA VAL A 197 -2.85 -13.44 -22.56
C VAL A 197 -4.04 -12.59 -22.16
N LYS A 198 -4.32 -11.55 -22.93
CA LYS A 198 -5.43 -10.65 -22.67
C LYS A 198 -6.75 -11.39 -22.39
N LYS A 199 -7.29 -11.18 -21.19
CA LYS A 199 -8.55 -11.76 -20.76
C LYS A 199 -9.29 -10.75 -19.86
N PRO A 200 -10.60 -10.88 -19.77
CA PRO A 200 -11.34 -9.95 -18.92
C PRO A 200 -11.11 -10.26 -17.44
N VAL A 201 -10.55 -9.31 -16.71
CA VAL A 201 -10.30 -9.49 -15.28
C VAL A 201 -10.82 -8.30 -14.49
N ASP A 202 -10.93 -8.50 -13.18
CA ASP A 202 -11.39 -7.45 -12.30
C ASP A 202 -10.22 -6.91 -11.52
N THR A 203 -9.41 -7.81 -11.01
CA THR A 203 -8.27 -7.44 -10.19
C THR A 203 -6.94 -8.12 -10.56
N ILE A 204 -5.97 -7.31 -10.93
CA ILE A 204 -4.64 -7.80 -11.28
C ILE A 204 -3.69 -7.65 -10.11
N VAL A 205 -3.21 -8.77 -9.58
CA VAL A 205 -2.28 -8.77 -8.44
C VAL A 205 -0.83 -8.93 -8.94
N GLY A 206 0.05 -8.07 -8.44
CA GLY A 206 1.46 -8.11 -8.85
C GLY A 206 2.43 -8.88 -7.95
N LEU A 207 3.30 -9.66 -8.57
CA LEU A 207 4.26 -10.48 -7.83
C LEU A 207 5.71 -10.38 -8.30
N GLY A 208 6.65 -10.80 -7.44
CA GLY A 208 8.06 -10.80 -7.77
C GLY A 208 8.98 -9.67 -7.26
N GLY A 209 10.27 -9.97 -7.25
CA GLY A 209 11.29 -9.03 -6.80
C GLY A 209 11.23 -7.65 -7.42
N THR A 210 10.98 -7.57 -8.72
CA THR A 210 10.89 -6.27 -9.38
C THR A 210 9.78 -5.39 -8.78
N ILE A 211 8.55 -5.89 -8.81
CA ILE A 211 7.39 -5.14 -8.32
C ILE A 211 7.38 -4.83 -6.81
N THR A 212 8.04 -5.65 -5.99
CA THR A 212 8.07 -5.37 -4.55
C THR A 212 9.15 -4.34 -4.31
N THR A 213 10.13 -4.30 -5.19
CA THR A 213 11.21 -3.32 -5.14
C THR A 213 10.54 -1.97 -5.50
N LEU A 214 9.65 -2.04 -6.47
CA LEU A 214 8.91 -0.89 -6.95
C LEU A 214 7.99 -0.31 -5.88
N ALA A 215 7.44 -1.16 -5.03
CA ALA A 215 6.55 -0.71 -3.96
C ALA A 215 7.38 0.03 -2.93
N ALA A 216 8.48 -0.60 -2.51
CA ALA A 216 9.38 -0.01 -1.52
C ALA A 216 9.81 1.34 -2.05
N LEU A 217 10.10 1.39 -3.33
CA LEU A 217 10.49 2.62 -3.98
C LEU A 217 9.39 3.64 -3.72
N GLU A 218 8.22 3.37 -4.27
CA GLU A 218 7.07 4.26 -4.17
C GLU A 218 6.58 4.65 -2.80
N TYR A 219 6.89 3.85 -1.78
CA TYR A 219 6.40 4.16 -0.44
C TYR A 219 7.51 4.47 0.55
N ASN A 220 8.69 4.79 0.03
CA ASN A 220 9.84 5.14 0.84
C ASN A 220 10.08 4.14 1.97
N VAL A 221 9.99 2.86 1.66
CA VAL A 221 10.20 1.79 2.63
C VAL A 221 11.65 1.33 2.48
N TYR A 222 12.57 1.80 3.33
CA TYR A 222 13.93 1.35 3.16
C TYR A 222 14.24 0.03 3.84
N PRO A 223 14.48 0.05 5.15
CA PRO A 223 14.77 -1.30 5.66
C PRO A 223 13.52 -2.09 5.21
N TYR A 224 13.69 -2.98 4.25
CA TYR A 224 12.55 -3.71 3.71
C TYR A 224 11.66 -4.33 4.78
N ASP A 225 10.38 -3.96 4.73
CA ASP A 225 9.40 -4.47 5.66
C ASP A 225 8.26 -4.92 4.77
N PRO A 226 7.90 -6.20 4.84
CA PRO A 226 6.83 -6.81 4.05
C PRO A 226 5.44 -6.66 4.67
N GLN A 227 5.08 -5.42 4.99
CA GLN A 227 3.78 -5.10 5.58
C GLN A 227 3.50 -3.70 5.09
N LYS A 228 4.59 -2.97 4.86
CA LYS A 228 4.53 -1.62 4.33
C LYS A 228 4.54 -1.78 2.82
N VAL A 229 4.58 -3.02 2.36
CA VAL A 229 4.61 -3.32 0.94
C VAL A 229 3.41 -4.18 0.50
N HIS A 230 3.19 -5.28 1.22
CA HIS A 230 2.09 -6.19 0.91
C HIS A 230 0.75 -5.49 0.88
N GLY A 231 -0.05 -5.80 -0.14
CA GLY A 231 -1.36 -5.21 -0.26
C GLY A 231 -1.38 -3.76 -0.68
N LYS A 232 -0.23 -3.23 -1.08
CA LYS A 232 -0.14 -1.84 -1.50
C LYS A 232 -0.60 -1.75 -2.94
N VAL A 233 -1.05 -0.56 -3.34
CA VAL A 233 -1.52 -0.32 -4.68
C VAL A 233 -0.42 0.32 -5.51
N LEU A 234 -0.57 0.21 -6.82
CA LEU A 234 0.39 0.81 -7.74
C LEU A 234 -0.36 1.17 -9.01
N THR A 235 -0.82 2.42 -9.06
CA THR A 235 -1.55 2.92 -10.22
C THR A 235 -0.62 2.90 -11.43
N TYR A 236 -1.19 3.00 -12.62
CA TYR A 236 -0.40 3.02 -13.84
C TYR A 236 0.57 4.20 -13.76
N GLY A 237 0.09 5.31 -13.19
CA GLY A 237 0.89 6.51 -13.06
C GLY A 237 2.15 6.36 -12.22
N GLN A 238 1.98 5.93 -10.96
CA GLN A 238 3.11 5.73 -10.05
C GLN A 238 4.16 4.83 -10.72
N ILE A 239 3.69 3.83 -11.43
CA ILE A 239 4.59 2.91 -12.11
C ILE A 239 5.33 3.57 -13.25
N LYS A 240 4.60 4.32 -14.07
CA LYS A 240 5.23 4.97 -15.21
C LYS A 240 6.22 6.04 -14.74
N LYS A 241 6.00 6.54 -13.53
CA LYS A 241 6.88 7.56 -12.95
C LYS A 241 8.27 6.98 -12.81
N TRP A 242 8.33 5.77 -12.26
CA TRP A 242 9.60 5.11 -12.06
C TRP A 242 10.23 4.50 -13.29
N PHE A 243 9.43 4.09 -14.26
CA PHE A 243 10.02 3.56 -15.47
C PHE A 243 10.80 4.73 -16.07
N ASP A 244 10.16 5.90 -16.05
CA ASP A 244 10.75 7.12 -16.60
C ASP A 244 12.05 7.47 -15.91
N THR A 245 12.01 7.45 -14.59
CA THR A 245 13.20 7.75 -13.80
C THR A 245 14.40 6.92 -14.27
N PHE A 246 14.32 5.61 -14.05
CA PHE A 246 15.40 4.70 -14.42
C PHE A 246 15.85 4.75 -15.86
N LYS A 247 14.90 4.69 -16.78
CA LYS A 247 15.22 4.70 -18.20
C LYS A 247 16.21 5.80 -18.54
N GLU A 248 16.14 6.90 -17.79
CA GLU A 248 17.01 8.04 -18.01
C GLU A 248 18.42 7.88 -17.44
N ILE A 249 18.67 6.79 -16.74
CA ILE A 249 19.97 6.56 -16.15
C ILE A 249 20.46 5.13 -16.27
N PRO A 250 21.78 4.94 -16.20
CA PRO A 250 22.42 3.63 -16.30
C PRO A 250 22.20 2.82 -15.02
N SER A 251 22.18 1.49 -15.17
CA SER A 251 21.95 0.56 -14.06
C SER A 251 22.67 0.96 -12.76
N GLU A 252 23.91 1.40 -12.88
CA GLU A 252 24.71 1.79 -11.74
C GLU A 252 24.12 2.95 -10.93
N GLU A 253 23.77 4.03 -11.60
CA GLU A 253 23.23 5.18 -10.90
C GLU A 253 21.94 4.84 -10.16
N ARG A 254 21.24 3.83 -10.64
CA ARG A 254 19.98 3.40 -9.99
C ARG A 254 20.36 2.74 -8.66
N SER A 255 21.39 1.91 -8.74
CA SER A 255 21.90 1.17 -7.59
C SER A 255 22.38 2.16 -6.53
N LYS A 256 23.23 3.08 -6.97
CA LYS A 256 23.78 4.07 -6.07
C LYS A 256 22.73 4.95 -5.40
N ARG A 257 21.87 5.57 -6.21
CA ARG A 257 20.85 6.48 -5.69
C ARG A 257 19.65 5.86 -5.00
N PHE A 258 19.32 4.62 -5.33
CA PHE A 258 18.17 4.00 -4.70
C PHE A 258 18.51 2.70 -3.96
N ARG A 259 18.57 2.82 -2.63
CA ARG A 259 18.88 1.72 -1.71
C ARG A 259 18.11 0.43 -1.90
N GLN A 260 16.87 0.53 -2.36
CA GLN A 260 16.05 -0.67 -2.51
C GLN A 260 16.43 -1.49 -3.75
N VAL A 261 17.25 -0.92 -4.61
CA VAL A 261 17.67 -1.60 -5.82
C VAL A 261 18.90 -2.49 -5.63
N GLU A 262 18.73 -3.81 -5.78
CA GLU A 262 19.86 -4.74 -5.64
C GLU A 262 20.70 -4.66 -6.90
N ASP A 263 22.01 -4.53 -6.75
CA ASP A 263 22.90 -4.43 -7.91
C ASP A 263 22.55 -5.46 -8.98
N ARG A 264 22.25 -6.67 -8.55
CA ARG A 264 21.90 -7.72 -9.50
C ARG A 264 20.66 -7.36 -10.32
N ARG A 265 19.76 -6.60 -9.72
CA ARG A 265 18.51 -6.17 -10.37
C ARG A 265 18.68 -4.86 -11.13
N ALA A 266 19.54 -3.98 -10.60
CA ALA A 266 19.80 -2.65 -11.15
C ALA A 266 19.65 -2.46 -12.66
N LYS A 267 20.15 -3.40 -13.44
CA LYS A 267 20.07 -3.32 -14.89
C LYS A 267 18.76 -3.87 -15.45
N VAL A 268 18.58 -5.17 -15.34
CA VAL A 268 17.38 -5.84 -15.82
C VAL A 268 16.06 -5.25 -15.33
N ILE A 269 16.09 -4.53 -14.21
CA ILE A 269 14.86 -3.97 -13.64
C ILE A 269 14.06 -3.05 -14.57
N LEU A 270 14.71 -2.54 -15.61
CA LEU A 270 14.03 -1.68 -16.56
C LEU A 270 12.95 -2.49 -17.30
N ALA A 271 13.39 -3.55 -17.98
CA ALA A 271 12.48 -4.41 -18.72
C ALA A 271 11.41 -5.00 -17.80
N GLY A 272 11.77 -5.25 -16.54
CA GLY A 272 10.82 -5.79 -15.59
C GLY A 272 9.71 -4.79 -15.33
N ILE A 273 10.09 -3.52 -15.19
CA ILE A 273 9.10 -2.47 -14.96
C ILE A 273 8.27 -2.36 -16.23
N GLY A 274 8.92 -2.49 -17.37
CA GLY A 274 8.22 -2.41 -18.64
C GLY A 274 7.09 -3.42 -18.74
N ILE A 275 7.36 -4.69 -18.44
CA ILE A 275 6.33 -5.71 -18.51
C ILE A 275 5.08 -5.33 -17.72
N PHE A 276 5.27 -4.93 -16.47
CA PHE A 276 4.15 -4.52 -15.64
C PHE A 276 3.42 -3.34 -16.25
N LEU A 277 4.18 -2.45 -16.86
CA LEU A 277 3.61 -1.26 -17.49
C LEU A 277 2.71 -1.65 -18.66
N LYS A 278 3.28 -2.31 -19.66
CA LYS A 278 2.50 -2.73 -20.83
C LYS A 278 1.35 -3.67 -20.50
N THR A 279 1.50 -4.45 -19.43
CA THR A 279 0.45 -5.38 -19.01
C THR A 279 -0.82 -4.64 -18.65
N LEU A 280 -0.70 -3.64 -17.79
CA LEU A 280 -1.84 -2.81 -17.39
C LEU A 280 -2.50 -2.25 -18.64
N GLU A 281 -1.68 -1.91 -19.64
CA GLU A 281 -2.20 -1.38 -20.87
C GLU A 281 -3.12 -2.41 -21.54
N ILE A 282 -2.55 -3.56 -21.89
CA ILE A 282 -3.32 -4.63 -22.53
C ILE A 282 -4.56 -5.01 -21.73
N PHE A 283 -4.38 -5.31 -20.44
CA PHE A 283 -5.50 -5.69 -19.62
C PHE A 283 -6.34 -4.46 -19.29
N GLU A 284 -5.99 -3.33 -19.89
CA GLU A 284 -6.71 -2.09 -19.66
C GLU A 284 -7.08 -1.87 -18.19
N LYS A 285 -6.10 -1.54 -17.38
CA LYS A 285 -6.35 -1.30 -15.95
C LYS A 285 -5.54 -0.12 -15.43
N ASP A 286 -6.07 0.53 -14.40
CA ASP A 286 -5.43 1.70 -13.80
C ASP A 286 -4.35 1.36 -12.77
N CYS A 287 -4.49 0.19 -12.16
CA CYS A 287 -3.55 -0.22 -11.14
C CYS A 287 -3.59 -1.71 -10.87
N LEU A 288 -2.76 -2.15 -9.93
CA LEU A 288 -2.73 -3.55 -9.55
C LEU A 288 -2.41 -3.56 -8.05
N ILE A 289 -2.56 -4.72 -7.41
CA ILE A 289 -2.25 -4.86 -5.99
C ILE A 289 -0.98 -5.70 -5.90
N VAL A 290 -0.05 -5.27 -5.06
CA VAL A 290 1.23 -5.95 -4.90
C VAL A 290 1.20 -7.02 -3.80
N SER A 291 1.84 -8.15 -4.07
CA SER A 291 1.89 -9.21 -3.08
C SER A 291 3.30 -9.64 -2.68
N ASP A 292 3.53 -9.72 -1.38
CA ASP A 292 4.80 -10.12 -0.84
C ASP A 292 4.90 -11.64 -0.80
N TRP A 293 3.76 -12.30 -0.84
CA TRP A 293 3.71 -13.75 -0.80
C TRP A 293 3.69 -14.40 -2.18
N GLY A 294 4.49 -15.45 -2.34
CA GLY A 294 4.54 -16.12 -3.63
C GLY A 294 4.60 -17.64 -3.55
N LEU A 295 5.47 -18.22 -4.34
CA LEU A 295 5.64 -19.68 -4.39
C LEU A 295 5.87 -20.27 -3.01
N ARG A 296 7.02 -19.90 -2.43
CA ARG A 296 7.47 -20.34 -1.12
C ARG A 296 6.36 -20.31 -0.06
N GLU A 297 5.53 -19.27 -0.09
CA GLU A 297 4.44 -19.14 0.86
C GLU A 297 3.20 -19.89 0.34
N GLY A 298 3.09 -19.97 -0.99
CA GLY A 298 1.96 -20.65 -1.62
C GLY A 298 1.96 -22.14 -1.33
N VAL A 299 3.17 -22.69 -1.24
CA VAL A 299 3.33 -24.10 -0.95
C VAL A 299 2.74 -24.34 0.44
N LEU A 300 3.13 -23.51 1.39
CA LEU A 300 2.62 -23.64 2.76
C LEU A 300 1.11 -23.53 2.73
N VAL A 301 0.60 -22.55 1.98
CA VAL A 301 -0.85 -22.38 1.90
C VAL A 301 -1.58 -23.68 1.67
N SER A 302 -1.13 -24.49 0.71
CA SER A 302 -1.79 -25.77 0.45
C SER A 302 -1.82 -26.57 1.76
N GLU A 303 -2.83 -26.22 2.58
CA GLU A 303 -3.10 -26.79 3.90
C GLU A 303 -2.43 -25.96 4.99
N VAL A 304 -1.20 -25.77 4.90
N PRO B 5 18.94 25.72 -5.45
CA PRO B 5 18.01 24.73 -6.03
C PRO B 5 17.19 24.01 -4.97
N ILE B 6 17.87 23.36 -4.03
CA ILE B 6 17.19 22.64 -2.97
C ILE B 6 16.49 23.63 -2.07
N MET B 7 15.25 23.34 -1.71
CA MET B 7 14.50 24.21 -0.83
C MET B 7 13.70 23.43 0.18
N ARG B 8 13.51 24.02 1.35
CA ARG B 8 12.74 23.41 2.41
C ARG B 8 11.49 24.24 2.62
N VAL B 9 10.35 23.57 2.75
CA VAL B 9 9.10 24.27 2.95
C VAL B 9 8.43 23.80 4.23
N ALA B 10 7.99 24.74 5.04
CA ALA B 10 7.33 24.40 6.29
C ALA B 10 5.84 24.56 6.17
N SER B 11 5.12 23.74 6.92
CA SER B 11 3.68 23.76 6.95
C SER B 11 3.21 23.56 8.38
N ILE B 12 2.25 24.36 8.81
CA ILE B 12 1.73 24.22 10.15
C ILE B 12 0.23 24.48 10.10
N ASP B 13 -0.55 23.68 10.80
CA ASP B 13 -1.96 23.93 10.82
C ASP B 13 -2.48 23.83 12.24
N ILE B 14 -3.28 24.80 12.63
CA ILE B 14 -3.86 24.84 13.96
C ILE B 14 -5.22 24.16 13.87
N GLY B 15 -5.29 22.94 14.39
CA GLY B 15 -6.53 22.20 14.34
C GLY B 15 -7.30 22.36 15.64
N SER B 16 -8.49 21.78 15.71
CA SER B 16 -9.26 21.89 16.94
C SER B 16 -8.69 20.96 18.01
N ASN B 17 -7.88 20.01 17.59
CA ASN B 17 -7.31 19.09 18.55
C ASN B 17 -5.81 19.26 18.71
N SER B 18 -5.08 19.14 17.61
CA SER B 18 -3.66 19.31 17.71
C SER B 18 -3.18 20.39 16.77
N VAL B 19 -1.90 20.71 16.91
CA VAL B 19 -1.23 21.70 16.10
C VAL B 19 0.01 20.97 15.58
N ARG B 20 0.03 20.69 14.29
CA ARG B 20 1.15 19.97 13.69
C ARG B 20 2.06 20.85 12.84
N LEU B 21 3.31 20.40 12.74
CA LEU B 21 4.30 21.10 11.96
C LEU B 21 4.95 20.10 11.01
N THR B 22 5.11 20.48 9.74
CA THR B 22 5.72 19.61 8.75
C THR B 22 6.72 20.39 7.90
N ILE B 23 7.95 19.89 7.84
CA ILE B 23 8.99 20.50 7.05
C ILE B 23 9.45 19.49 6.01
N ALA B 24 9.38 19.88 4.75
CA ALA B 24 9.81 18.98 3.68
C ALA B 24 10.93 19.61 2.88
N GLN B 25 11.65 18.77 2.14
CA GLN B 25 12.75 19.25 1.32
C GLN B 25 12.45 18.84 -0.12
N ILE B 26 12.50 19.79 -1.04
CA ILE B 26 12.24 19.48 -2.43
C ILE B 26 13.55 19.43 -3.20
N LYS B 27 13.98 18.21 -3.51
CA LYS B 27 15.22 17.95 -4.24
C LYS B 27 14.91 17.22 -5.55
N ASP B 28 15.17 17.90 -6.66
CA ASP B 28 14.91 17.39 -8.01
C ASP B 28 13.65 16.52 -8.09
N GLY B 29 12.50 17.19 -8.26
CA GLY B 29 11.23 16.49 -8.38
C GLY B 29 10.86 15.55 -7.25
N LYS B 30 11.71 15.46 -6.24
CA LYS B 30 11.45 14.59 -5.11
C LYS B 30 11.15 15.43 -3.87
N LEU B 31 10.02 15.18 -3.25
CA LEU B 31 9.64 15.91 -2.05
C LEU B 31 9.75 14.92 -0.90
N SER B 32 10.56 15.24 0.09
CA SER B 32 10.71 14.33 1.21
C SER B 32 10.59 15.04 2.55
N ILE B 33 9.76 14.48 3.44
CA ILE B 33 9.55 15.04 4.76
C ILE B 33 10.76 14.77 5.66
N ILE B 34 11.36 15.82 6.21
CA ILE B 34 12.54 15.65 7.07
C ILE B 34 12.30 15.88 8.55
N LEU B 35 11.19 16.53 8.87
CA LEU B 35 10.83 16.79 10.26
C LEU B 35 9.31 16.73 10.42
N GLU B 36 8.85 16.28 11.57
CA GLU B 36 7.41 16.14 11.78
C GLU B 36 7.04 16.15 13.25
N ARG B 37 6.13 17.03 13.63
CA ARG B 37 5.72 17.12 15.04
C ARG B 37 4.30 17.60 15.27
N GLY B 38 3.71 17.14 16.36
CA GLY B 38 2.36 17.52 16.69
C GLY B 38 2.15 17.55 18.20
N ARG B 39 1.27 18.44 18.67
CA ARG B 39 1.00 18.53 20.10
C ARG B 39 -0.48 18.80 20.30
N ILE B 40 -1.06 18.17 21.31
CA ILE B 40 -2.48 18.35 21.58
C ILE B 40 -2.70 19.51 22.54
N THR B 41 -3.22 20.61 22.00
CA THR B 41 -3.49 21.80 22.79
C THR B 41 -4.98 21.96 23.01
N SER B 42 -5.76 21.19 22.27
CA SER B 42 -7.20 21.16 22.38
C SER B 42 -8.04 22.45 22.41
N LEU B 43 -8.00 23.28 21.37
CA LEU B 43 -8.87 24.46 21.39
C LEU B 43 -10.21 23.93 20.89
N GLY B 44 -11.18 23.72 21.77
CA GLY B 44 -12.44 23.18 21.30
C GLY B 44 -13.78 23.55 21.91
N THR B 45 -13.87 23.97 23.18
CA THR B 45 -15.18 24.28 23.79
C THR B 45 -15.96 25.46 23.18
N LYS B 46 -15.94 25.56 21.85
CA LYS B 46 -16.64 26.61 21.13
C LYS B 46 -18.09 26.22 20.91
N VAL B 47 -18.31 24.98 20.47
CA VAL B 47 -19.68 24.51 20.25
C VAL B 47 -20.40 24.79 21.55
N LYS B 48 -19.71 24.54 22.66
CA LYS B 48 -20.24 24.75 24.00
C LYS B 48 -20.56 26.23 24.14
N GLU B 49 -20.24 26.82 25.29
CA GLU B 49 -20.52 28.23 25.47
C GLU B 49 -19.81 28.99 24.35
N THR B 50 -20.59 29.39 23.35
CA THR B 50 -20.11 30.11 22.17
C THR B 50 -18.70 30.65 22.37
N GLY B 51 -18.49 31.31 23.51
CA GLY B 51 -17.20 31.88 23.84
C GLY B 51 -16.25 31.80 22.66
N ARG B 52 -15.31 30.88 22.72
CA ARG B 52 -14.33 30.70 21.66
C ARG B 52 -13.09 30.09 22.25
N LEU B 53 -11.94 30.44 21.66
CA LEU B 53 -10.66 29.94 22.12
C LEU B 53 -10.58 30.17 23.62
N GLN B 54 -10.24 29.12 24.35
CA GLN B 54 -10.10 29.16 25.79
C GLN B 54 -8.70 29.70 26.06
N GLU B 55 -8.59 30.62 27.00
CA GLU B 55 -7.30 31.23 27.29
C GLU B 55 -6.21 30.19 27.57
N ASP B 56 -6.52 29.19 28.40
CA ASP B 56 -5.56 28.13 28.71
C ASP B 56 -5.17 27.33 27.46
N ARG B 57 -6.16 27.09 26.61
CA ARG B 57 -5.94 26.37 25.37
C ARG B 57 -5.15 27.26 24.43
N ILE B 58 -5.49 28.55 24.42
CA ILE B 58 -4.80 29.50 23.56
C ILE B 58 -3.32 29.55 23.88
N GLU B 59 -3.04 29.78 25.16
CA GLU B 59 -1.69 29.90 25.66
C GLU B 59 -0.84 28.69 25.32
N GLU B 60 -1.34 27.51 25.68
CA GLU B 60 -0.61 26.28 25.41
C GLU B 60 -0.29 26.24 23.92
N THR B 61 -1.19 26.77 23.10
CA THR B 61 -0.99 26.78 21.67
C THR B 61 0.10 27.72 21.16
N ILE B 62 0.16 28.94 21.68
CA ILE B 62 1.21 29.87 21.23
C ILE B 62 2.60 29.32 21.58
N GLN B 63 2.70 28.72 22.75
CA GLN B 63 3.95 28.11 23.21
C GLN B 63 4.39 27.06 22.20
N VAL B 64 3.49 26.15 21.88
CA VAL B 64 3.79 25.11 20.90
C VAL B 64 4.26 25.82 19.64
N LEU B 65 3.51 26.87 19.28
CA LEU B 65 3.82 27.65 18.09
C LEU B 65 5.20 28.26 18.18
N LYS B 66 5.57 28.72 19.37
CA LYS B 66 6.89 29.32 19.62
C LYS B 66 7.93 28.30 19.17
N GLU B 67 7.80 27.10 19.72
CA GLU B 67 8.73 26.02 19.41
C GLU B 67 8.81 25.73 17.90
N TYR B 68 7.67 25.55 17.26
CA TYR B 68 7.68 25.26 15.83
C TYR B 68 8.47 26.33 15.09
N LYS B 69 8.25 27.59 15.47
CA LYS B 69 8.94 28.73 14.89
C LYS B 69 10.45 28.49 14.97
N LYS B 70 10.91 28.20 16.20
CA LYS B 70 12.32 27.93 16.47
C LYS B 70 12.83 26.84 15.52
N LEU B 71 12.09 25.73 15.44
CA LEU B 71 12.48 24.63 14.56
C LEU B 71 12.58 25.11 13.12
N ILE B 72 11.58 25.88 12.69
CA ILE B 72 11.56 26.40 11.33
C ILE B 72 12.84 27.14 10.98
N ASP B 73 13.27 28.04 11.86
CA ASP B 73 14.50 28.80 11.62
C ASP B 73 15.71 27.92 11.70
N GLU B 74 15.81 27.16 12.78
CA GLU B 74 16.93 26.25 12.98
C GLU B 74 17.17 25.50 11.66
N PHE B 75 16.10 25.32 10.90
CA PHE B 75 16.17 24.62 9.61
C PHE B 75 16.35 25.57 8.44
N LYS B 76 16.18 26.86 8.67
CA LYS B 76 16.32 27.83 7.60
C LYS B 76 15.36 27.49 6.47
N VAL B 77 14.06 27.51 6.73
CA VAL B 77 13.12 27.19 5.68
C VAL B 77 12.74 28.45 4.92
N GLU B 78 12.92 28.39 3.61
CA GLU B 78 12.63 29.51 2.74
C GLU B 78 11.19 29.99 2.85
N ARG B 79 10.25 29.09 2.58
CA ARG B 79 8.83 29.42 2.62
C ARG B 79 8.05 28.60 3.63
N VAL B 80 7.23 29.29 4.42
CA VAL B 80 6.41 28.67 5.45
C VAL B 80 4.96 29.11 5.31
N LYS B 81 4.04 28.17 5.42
CA LYS B 81 2.62 28.46 5.33
C LYS B 81 1.89 27.97 6.58
N ALA B 82 1.09 28.83 7.18
CA ALA B 82 0.34 28.43 8.37
C ALA B 82 -1.17 28.58 8.18
N VAL B 83 -1.93 27.53 8.54
CA VAL B 83 -3.38 27.57 8.39
C VAL B 83 -4.12 27.16 9.66
N ALA B 84 -5.41 27.50 9.72
CA ALA B 84 -6.26 27.16 10.86
C ALA B 84 -7.60 26.74 10.25
N THR B 85 -8.19 25.67 10.78
CA THR B 85 -9.45 25.15 10.24
C THR B 85 -10.68 25.11 11.14
N GLU B 86 -11.82 25.40 10.50
CA GLU B 86 -13.16 25.40 11.10
C GLU B 86 -13.27 25.01 12.55
N ALA B 87 -12.87 25.93 13.42
CA ALA B 87 -12.88 25.73 14.87
C ALA B 87 -12.34 27.04 15.40
N ILE B 88 -11.46 27.63 14.61
CA ILE B 88 -10.87 28.92 14.92
C ILE B 88 -11.74 29.93 14.18
N ARG B 89 -12.20 29.55 12.99
CA ARG B 89 -13.04 30.42 12.20
C ARG B 89 -14.43 30.56 12.83
N ARG B 90 -14.75 29.64 13.72
CA ARG B 90 -16.03 29.64 14.42
C ARG B 90 -15.87 30.35 15.77
N ALA B 91 -14.62 30.62 16.13
CA ALA B 91 -14.32 31.26 17.40
C ALA B 91 -14.61 32.76 17.36
N LYS B 92 -15.30 33.23 18.39
CA LYS B 92 -15.66 34.64 18.48
C LYS B 92 -14.45 35.57 18.48
N ASN B 93 -13.35 35.16 19.10
CA ASN B 93 -12.16 36.00 19.14
C ASN B 93 -11.05 35.55 18.20
N ALA B 94 -11.40 34.84 17.14
CA ALA B 94 -10.41 34.36 16.18
C ALA B 94 -9.36 35.44 15.96
N GLU B 95 -9.84 36.61 15.53
CA GLU B 95 -8.97 37.74 15.25
C GLU B 95 -8.01 38.05 16.38
N GLU B 96 -8.57 38.25 17.57
CA GLU B 96 -7.73 38.55 18.73
C GLU B 96 -6.63 37.49 18.82
N PHE B 97 -7.01 36.25 18.59
CA PHE B 97 -6.09 35.12 18.62
C PHE B 97 -4.99 35.21 17.54
N LEU B 98 -5.38 35.48 16.29
CA LEU B 98 -4.40 35.56 15.20
C LEU B 98 -3.43 36.74 15.35
N GLU B 99 -3.94 37.90 15.76
CA GLU B 99 -3.13 39.08 15.96
C GLU B 99 -2.06 38.77 17.00
N ARG B 100 -2.41 37.88 17.93
CA ARG B 100 -1.48 37.51 18.99
C ARG B 100 -0.43 36.50 18.51
N VAL B 101 -0.81 35.63 17.57
CA VAL B 101 0.14 34.66 17.05
C VAL B 101 1.08 35.53 16.26
N LYS B 102 0.50 36.32 15.37
CA LYS B 102 1.27 37.27 14.59
C LYS B 102 1.85 38.12 15.70
N ARG B 103 3.08 38.57 15.55
CA ARG B 103 3.70 39.42 16.57
C ARG B 103 3.57 38.86 17.99
N GLU B 104 4.49 37.96 18.31
CA GLU B 104 4.59 37.26 19.60
C GLU B 104 5.09 35.86 19.25
N VAL B 105 5.01 35.56 17.96
CA VAL B 105 5.45 34.29 17.39
C VAL B 105 6.03 34.70 16.03
N GLY B 106 5.35 35.65 15.39
CA GLY B 106 5.78 36.15 14.10
C GLY B 106 5.29 35.25 12.99
N LEU B 107 4.06 34.78 13.16
CA LEU B 107 3.47 33.88 12.19
C LEU B 107 2.09 34.36 11.79
N VAL B 108 1.85 34.49 10.49
CA VAL B 108 0.53 34.90 10.03
C VAL B 108 -0.20 33.60 9.73
N VAL B 109 -1.40 33.48 10.27
CA VAL B 109 -2.20 32.28 10.09
C VAL B 109 -3.40 32.62 9.22
N GLU B 110 -3.56 31.90 8.12
CA GLU B 110 -4.71 32.13 7.25
C GLU B 110 -5.82 31.18 7.62
N VAL B 111 -7.00 31.70 7.96
CA VAL B 111 -8.09 30.80 8.26
C VAL B 111 -8.56 30.33 6.89
N ILE B 112 -8.80 29.03 6.74
CA ILE B 112 -9.24 28.53 5.45
C ILE B 112 -10.61 27.89 5.54
N THR B 113 -11.31 27.89 4.41
CA THR B 113 -12.64 27.31 4.32
C THR B 113 -12.50 25.81 4.13
N PRO B 114 -13.54 25.04 4.43
CA PRO B 114 -13.41 23.60 4.23
C PRO B 114 -13.17 23.26 2.76
N GLU B 115 -13.70 24.10 1.86
CA GLU B 115 -13.52 23.88 0.43
C GLU B 115 -12.03 23.87 0.17
N GLN B 116 -11.34 24.82 0.74
CA GLN B 116 -9.90 24.93 0.58
C GLN B 116 -9.17 23.71 1.15
N GLU B 117 -9.65 23.19 2.28
CA GLU B 117 -9.05 22.00 2.89
C GLU B 117 -9.05 20.86 1.89
N GLY B 118 -10.14 20.78 1.11
CA GLY B 118 -10.29 19.76 0.09
C GLY B 118 -9.29 19.91 -1.04
N ARG B 119 -9.14 21.14 -1.55
CA ARG B 119 -8.20 21.42 -2.64
C ARG B 119 -6.77 21.02 -2.24
N TYR B 120 -6.40 21.34 -1.01
CA TYR B 120 -5.08 21.00 -0.51
C TYR B 120 -5.00 19.46 -0.42
N ALA B 121 -5.92 18.87 0.33
CA ALA B 121 -5.93 17.43 0.50
C ALA B 121 -5.78 16.69 -0.83
N TYR B 122 -6.43 17.23 -1.85
CA TYR B 122 -6.41 16.64 -3.19
C TYR B 122 -5.01 16.68 -3.76
N LEU B 123 -4.31 17.78 -3.49
CA LEU B 123 -2.95 17.96 -3.96
C LEU B 123 -2.09 16.86 -3.36
N ALA B 124 -2.29 16.62 -2.07
CA ALA B 124 -1.57 15.60 -1.33
C ALA B 124 -1.76 14.23 -1.95
N VAL B 125 -2.94 13.97 -2.50
CA VAL B 125 -3.18 12.67 -3.11
C VAL B 125 -2.61 12.63 -4.54
N ALA B 126 -2.67 13.76 -5.23
CA ALA B 126 -2.15 13.83 -6.60
C ALA B 126 -0.69 13.47 -6.56
N TYR B 127 0.03 14.03 -5.59
CA TYR B 127 1.43 13.77 -5.45
C TYR B 127 1.80 12.36 -4.97
N SER B 128 1.25 11.92 -3.85
CA SER B 128 1.63 10.63 -3.30
C SER B 128 0.88 9.37 -3.68
N LEU B 129 -0.02 9.47 -4.66
CA LEU B 129 -0.79 8.30 -5.08
C LEU B 129 -1.10 8.30 -6.58
N LYS B 130 -0.99 9.48 -7.20
CA LYS B 130 -1.23 9.64 -8.63
C LYS B 130 -2.34 8.78 -9.24
N PRO B 131 -3.56 8.84 -8.68
CA PRO B 131 -4.68 8.04 -9.21
C PRO B 131 -5.05 8.40 -10.66
N GLU B 132 -5.61 7.44 -11.39
CA GLU B 132 -5.99 7.63 -12.80
C GLU B 132 -7.38 8.21 -13.15
N GLY B 133 -7.41 8.95 -14.26
CA GLY B 133 -8.63 9.56 -14.77
C GLY B 133 -9.36 10.50 -13.86
N GLU B 134 -10.68 10.55 -13.98
CA GLU B 134 -11.47 11.41 -13.14
C GLU B 134 -11.31 10.89 -11.71
N VAL B 135 -10.64 11.68 -10.89
CA VAL B 135 -10.37 11.31 -9.51
C VAL B 135 -11.29 11.99 -8.50
N CYS B 136 -11.74 11.23 -7.50
CA CYS B 136 -12.59 11.80 -6.46
C CYS B 136 -12.04 11.56 -5.06
N VAL B 137 -11.55 12.61 -4.44
CA VAL B 137 -11.00 12.53 -3.10
C VAL B 137 -12.12 12.83 -2.12
N VAL B 138 -12.35 11.94 -1.17
CA VAL B 138 -13.38 12.20 -0.18
C VAL B 138 -12.72 12.49 1.18
N ASP B 139 -12.71 13.77 1.55
CA ASP B 139 -12.11 14.20 2.82
C ASP B 139 -13.15 14.33 3.93
N GLN B 140 -13.38 13.23 4.63
CA GLN B 140 -14.35 13.23 5.70
C GLN B 140 -13.68 13.52 7.04
N GLY B 141 -13.99 14.68 7.62
CA GLY B 141 -13.38 15.05 8.87
C GLY B 141 -13.97 16.27 9.56
N GLY B 142 -14.53 16.07 10.75
CA GLY B 142 -15.12 17.15 11.51
C GLY B 142 -16.63 17.20 11.40
N GLY B 143 -17.15 18.36 11.00
CA GLY B 143 -18.58 18.51 10.84
C GLY B 143 -18.93 18.52 9.37
N SER B 144 -17.92 18.25 8.55
CA SER B 144 -18.13 18.25 7.11
C SER B 144 -17.32 17.20 6.38
N THR B 145 -17.84 16.82 5.21
CA THR B 145 -17.17 15.86 4.34
C THR B 145 -17.11 16.53 2.97
N GLU B 146 -15.91 16.66 2.43
CA GLU B 146 -15.80 17.31 1.14
C GLU B 146 -15.41 16.35 0.02
N TYR B 147 -16.00 16.57 -1.15
CA TYR B 147 -15.73 15.76 -2.32
C TYR B 147 -14.99 16.66 -3.29
N VAL B 148 -13.86 16.17 -3.78
CA VAL B 148 -13.03 16.97 -4.67
C VAL B 148 -12.70 16.17 -5.92
N PHE B 149 -13.15 16.66 -7.08
CA PHE B 149 -12.92 15.94 -8.33
C PHE B 149 -11.88 16.63 -9.20
N GLY B 150 -11.36 15.90 -10.17
CA GLY B 150 -10.38 16.47 -11.06
C GLY B 150 -9.62 15.38 -11.79
N LYS B 151 -8.56 15.78 -12.48
CA LYS B 151 -7.75 14.87 -13.24
C LYS B 151 -6.32 15.33 -12.97
N GLY B 152 -5.48 14.41 -12.52
CA GLY B 152 -4.10 14.77 -12.22
C GLY B 152 -4.02 15.80 -11.11
N TYR B 153 -3.16 16.79 -11.27
CA TYR B 153 -3.02 17.83 -10.26
C TYR B 153 -4.09 18.92 -10.32
N LYS B 154 -4.93 18.88 -11.36
CA LYS B 154 -5.98 19.89 -11.52
C LYS B 154 -7.35 19.56 -10.91
N VAL B 155 -7.84 20.46 -10.06
CA VAL B 155 -9.14 20.27 -9.43
C VAL B 155 -10.24 20.84 -10.32
N ARG B 156 -11.19 19.99 -10.70
CA ARG B 156 -12.30 20.46 -11.52
C ARG B 156 -13.36 21.05 -10.61
N GLU B 157 -13.72 20.34 -9.57
CA GLU B 157 -14.76 20.82 -8.66
C GLU B 157 -14.56 20.37 -7.21
N VAL B 158 -15.09 21.17 -6.29
CA VAL B 158 -15.00 20.86 -4.86
C VAL B 158 -16.33 21.18 -4.22
N ILE B 159 -16.82 20.26 -3.41
CA ILE B 159 -18.08 20.48 -2.75
C ILE B 159 -17.95 20.01 -1.31
N SER B 160 -18.43 20.83 -0.37
CA SER B 160 -18.39 20.51 1.04
C SER B 160 -19.80 20.14 1.48
N LEU B 161 -19.98 18.90 1.94
CA LEU B 161 -21.30 18.45 2.40
C LEU B 161 -21.38 18.61 3.91
N PRO B 162 -22.38 19.38 4.39
CA PRO B 162 -22.61 19.64 5.80
C PRO B 162 -22.94 18.40 6.65
N ILE B 163 -22.49 17.23 6.20
CA ILE B 163 -22.75 15.97 6.91
C ILE B 163 -21.53 15.56 7.76
N GLY B 164 -21.61 15.87 9.04
CA GLY B 164 -20.52 15.53 9.94
C GLY B 164 -20.84 14.28 10.72
N ILE B 165 -19.84 13.47 10.99
CA ILE B 165 -20.03 12.22 11.72
C ILE B 165 -20.62 12.40 13.12
N VAL B 166 -20.70 13.63 13.60
CA VAL B 166 -21.23 13.87 14.95
C VAL B 166 -22.69 14.28 14.94
N ASN B 167 -22.99 15.32 14.18
CA ASN B 167 -24.35 15.82 14.06
C ASN B 167 -25.16 14.71 13.42
N LEU B 168 -24.50 13.98 12.52
CA LEU B 168 -25.15 12.88 11.83
C LEU B 168 -25.50 11.83 12.87
N THR B 169 -24.59 11.60 13.81
CA THR B 169 -24.80 10.64 14.88
C THR B 169 -25.89 11.14 15.83
N GLU B 170 -25.75 12.38 16.28
CA GLU B 170 -26.71 12.99 17.19
C GLU B 170 -28.10 12.88 16.60
N THR B 171 -28.21 13.29 15.35
CA THR B 171 -29.46 13.28 14.64
C THR B 171 -30.13 11.91 14.49
N PHE B 172 -29.40 10.96 13.89
CA PHE B 172 -29.95 9.63 13.64
C PHE B 172 -29.75 8.49 14.64
N PHE B 173 -28.74 8.57 15.50
CA PHE B 173 -28.55 7.47 16.45
C PHE B 173 -28.88 7.85 17.89
N LYS B 174 -30.14 7.71 18.24
CA LYS B 174 -30.62 8.03 19.58
C LYS B 174 -30.24 6.94 20.58
N GLN B 175 -30.17 5.70 20.09
CA GLN B 175 -29.77 4.57 20.90
C GLN B 175 -28.35 4.15 20.55
N ASP B 176 -27.65 3.55 21.51
CA ASP B 176 -26.29 3.07 21.29
C ASP B 176 -26.24 1.58 21.55
N PRO B 177 -26.19 0.77 20.48
CA PRO B 177 -26.19 1.20 19.08
C PRO B 177 -27.57 1.62 18.60
N PRO B 178 -27.69 2.12 17.36
CA PRO B 178 -28.96 2.56 16.77
C PRO B 178 -29.83 1.41 16.30
N THR B 179 -31.15 1.63 16.25
CA THR B 179 -32.08 0.60 15.79
C THR B 179 -31.99 0.49 14.28
N GLU B 180 -32.53 -0.59 13.72
CA GLU B 180 -32.50 -0.74 12.27
C GLU B 180 -33.23 0.41 11.59
N GLU B 181 -34.36 0.83 12.15
CA GLU B 181 -35.13 1.93 11.60
C GLU B 181 -34.23 3.16 11.54
N GLU B 182 -33.56 3.46 12.65
CA GLU B 182 -32.65 4.60 12.73
C GLU B 182 -31.61 4.48 11.59
N VAL B 183 -30.96 3.33 11.51
CA VAL B 183 -29.95 3.07 10.50
C VAL B 183 -30.50 3.27 9.07
N LYS B 184 -31.68 2.73 8.83
CA LYS B 184 -32.36 2.81 7.55
C LYS B 184 -32.56 4.25 7.11
N ARG B 185 -32.99 5.09 8.06
CA ARG B 185 -33.25 6.50 7.82
C ARG B 185 -31.95 7.27 7.63
N PHE B 186 -30.92 6.84 8.35
CA PHE B 186 -29.59 7.44 8.27
C PHE B 186 -29.12 7.31 6.81
N PHE B 187 -29.07 6.07 6.32
CA PHE B 187 -28.64 5.82 4.96
C PHE B 187 -29.51 6.52 3.91
N GLU B 188 -30.82 6.59 4.18
CA GLU B 188 -31.74 7.26 3.26
C GLU B 188 -31.32 8.72 3.09
N PHE B 189 -31.07 9.37 4.21
CA PHE B 189 -30.64 10.77 4.21
C PHE B 189 -29.33 10.93 3.44
N LEU B 190 -28.43 9.97 3.60
CA LEU B 190 -27.16 10.02 2.90
C LEU B 190 -27.33 9.94 1.40
N GLU B 191 -28.27 9.14 0.95
CA GLU B 191 -28.49 9.01 -0.48
C GLU B 191 -29.06 10.30 -1.08
N LYS B 192 -29.85 11.02 -0.28
CA LYS B 192 -30.46 12.27 -0.72
C LYS B 192 -29.39 13.36 -0.88
N GLU B 193 -28.55 13.48 0.14
CA GLU B 193 -27.48 14.47 0.15
C GLU B 193 -26.36 14.13 -0.84
N LEU B 194 -26.13 12.85 -1.09
CA LEU B 194 -25.06 12.42 -1.97
C LEU B 194 -25.30 12.69 -3.46
N SER B 195 -26.54 12.57 -3.89
CA SER B 195 -26.86 12.82 -5.29
C SER B 195 -26.39 14.25 -5.64
N LYS B 196 -26.18 15.05 -4.61
CA LYS B 196 -25.69 16.41 -4.80
C LYS B 196 -24.24 16.36 -5.32
N VAL B 197 -23.53 15.25 -5.09
CA VAL B 197 -22.14 15.13 -5.55
C VAL B 197 -21.94 13.97 -6.51
N LYS B 198 -22.99 13.18 -6.67
CA LYS B 198 -22.97 12.03 -7.55
C LYS B 198 -22.42 12.38 -8.94
N LYS B 199 -21.69 11.45 -9.54
CA LYS B 199 -21.14 11.62 -10.88
C LYS B 199 -20.18 10.48 -11.23
N PRO B 200 -19.95 10.24 -12.53
CA PRO B 200 -19.01 9.16 -12.89
C PRO B 200 -17.56 9.51 -12.57
N VAL B 201 -16.82 8.55 -12.01
CA VAL B 201 -15.43 8.77 -11.66
C VAL B 201 -14.66 7.48 -11.88
N ASP B 202 -13.35 7.57 -12.08
CA ASP B 202 -12.53 6.37 -12.27
C ASP B 202 -11.97 5.85 -10.96
N THR B 203 -11.49 6.78 -10.15
CA THR B 203 -10.85 6.46 -8.90
C THR B 203 -11.26 7.33 -7.73
N ILE B 204 -11.65 6.67 -6.65
CA ILE B 204 -12.03 7.36 -5.44
C ILE B 204 -10.92 7.11 -4.44
N VAL B 205 -10.64 8.12 -3.64
CA VAL B 205 -9.62 8.04 -2.62
C VAL B 205 -10.23 8.59 -1.34
N GLY B 206 -10.22 7.80 -0.29
CA GLY B 206 -10.77 8.27 0.96
C GLY B 206 -9.69 8.61 1.96
N LEU B 207 -9.94 9.65 2.76
CA LEU B 207 -8.97 10.06 3.77
C LEU B 207 -9.64 10.63 5.02
N GLY B 208 -8.90 10.67 6.12
CA GLY B 208 -9.45 11.15 7.37
C GLY B 208 -9.36 10.09 8.47
N GLY B 209 -9.62 10.50 9.71
CA GLY B 209 -9.55 9.60 10.84
C GLY B 209 -10.30 8.29 10.69
N THR B 210 -11.60 8.36 10.37
CA THR B 210 -12.41 7.15 10.21
C THR B 210 -11.78 6.18 9.22
N ILE B 211 -11.56 6.66 8.00
CA ILE B 211 -11.04 5.78 6.97
C ILE B 211 -9.68 5.15 7.32
N THR B 212 -8.80 5.88 7.98
CA THR B 212 -7.50 5.33 8.34
C THR B 212 -7.60 4.38 9.53
N THR B 213 -8.62 4.56 10.35
CA THR B 213 -8.82 3.67 11.49
C THR B 213 -9.38 2.36 10.93
N LEU B 214 -10.30 2.50 9.97
CA LEU B 214 -10.91 1.34 9.32
C LEU B 214 -9.84 0.46 8.67
N ALA B 215 -8.85 1.09 8.05
CA ALA B 215 -7.77 0.37 7.40
C ALA B 215 -6.88 -0.36 8.42
N ALA B 216 -6.81 0.18 9.63
CA ALA B 216 -5.99 -0.43 10.68
C ALA B 216 -6.72 -1.66 11.20
N LEU B 217 -8.01 -1.50 11.48
CA LEU B 217 -8.86 -2.58 11.96
C LEU B 217 -8.72 -3.77 11.01
N GLU B 218 -9.02 -3.52 9.73
CA GLU B 218 -8.94 -4.53 8.70
C GLU B 218 -7.59 -5.21 8.56
N TYR B 219 -6.51 -4.44 8.61
CA TYR B 219 -5.18 -5.02 8.45
C TYR B 219 -4.38 -5.21 9.72
N ASN B 220 -5.07 -5.18 10.86
CA ASN B 220 -4.46 -5.36 12.17
C ASN B 220 -3.12 -4.63 12.35
N VAL B 221 -3.19 -3.31 12.26
CA VAL B 221 -2.05 -2.44 12.46
C VAL B 221 -2.43 -1.74 13.76
N TYR B 222 -1.93 -2.21 14.90
CA TYR B 222 -2.35 -1.49 16.10
C TYR B 222 -1.52 -0.26 16.34
N PRO B 223 -0.26 -0.43 16.76
CA PRO B 223 0.46 0.83 16.95
C PRO B 223 0.40 1.44 15.54
N TYR B 224 -0.42 2.48 15.37
CA TYR B 224 -0.61 3.08 14.05
C TYR B 224 0.64 3.51 13.31
N ASP B 225 0.81 2.95 12.12
CA ASP B 225 1.95 3.26 11.30
C ASP B 225 1.38 3.67 9.94
N PRO B 226 1.70 4.89 9.47
CA PRO B 226 1.23 5.42 8.19
C PRO B 226 1.61 4.53 7.00
N GLN B 227 2.81 3.96 7.03
CA GLN B 227 3.29 3.11 5.94
C GLN B 227 2.59 1.75 5.82
N LYS B 228 1.86 1.35 6.84
CA LYS B 228 1.16 0.07 6.78
C LYS B 228 -0.29 0.37 6.48
N VAL B 229 -0.57 1.63 6.17
CA VAL B 229 -1.93 2.08 5.91
C VAL B 229 -2.12 2.85 4.60
N HIS B 230 -1.18 3.75 4.32
CA HIS B 230 -1.22 4.58 3.11
C HIS B 230 -1.02 3.67 1.89
N GLY B 231 -1.88 3.80 0.90
CA GLY B 231 -1.77 2.98 -0.30
C GLY B 231 -2.52 1.66 -0.18
N LYS B 232 -3.33 1.50 0.85
CA LYS B 232 -4.08 0.25 0.99
C LYS B 232 -5.42 0.40 0.27
N VAL B 233 -6.03 -0.72 -0.11
CA VAL B 233 -7.32 -0.68 -0.78
C VAL B 233 -8.38 -1.08 0.22
N LEU B 234 -9.62 -0.75 -0.08
CA LEU B 234 -10.73 -1.06 0.82
C LEU B 234 -12.00 -1.24 -0.01
N THR B 235 -12.50 -2.47 -0.01
CA THR B 235 -13.69 -2.83 -0.77
C THR B 235 -15.01 -2.60 -0.06
N TYR B 236 -16.07 -2.64 -0.85
CA TYR B 236 -17.41 -2.48 -0.31
C TYR B 236 -17.64 -3.54 0.78
N GLY B 237 -17.32 -4.80 0.45
CA GLY B 237 -17.49 -5.89 1.39
C GLY B 237 -16.75 -5.71 2.68
N GLN B 238 -15.48 -5.31 2.59
CA GLN B 238 -14.66 -5.10 3.78
C GLN B 238 -15.28 -4.04 4.67
N ILE B 239 -15.73 -2.97 4.04
CA ILE B 239 -16.34 -1.88 4.77
C ILE B 239 -17.70 -2.29 5.31
N LYS B 240 -18.49 -2.98 4.50
CA LYS B 240 -19.81 -3.43 4.96
C LYS B 240 -19.62 -4.30 6.21
N LYS B 241 -18.65 -5.20 6.13
CA LYS B 241 -18.30 -6.11 7.22
C LYS B 241 -18.14 -5.38 8.56
N TRP B 242 -17.19 -4.46 8.64
CA TRP B 242 -16.97 -3.70 9.88
C TRP B 242 -18.18 -2.88 10.27
N PHE B 243 -18.99 -2.50 9.29
CA PHE B 243 -20.20 -1.74 9.60
C PHE B 243 -21.15 -2.65 10.36
N ASP B 244 -21.43 -3.83 9.81
CA ASP B 244 -22.34 -4.78 10.45
C ASP B 244 -21.83 -5.10 11.85
N THR B 245 -20.52 -5.31 11.92
CA THR B 245 -19.88 -5.62 13.19
C THR B 245 -20.16 -4.55 14.23
N PHE B 246 -19.75 -3.32 13.91
CA PHE B 246 -19.91 -2.19 14.82
C PHE B 246 -21.33 -1.74 15.12
N LYS B 247 -22.27 -2.07 14.23
CA LYS B 247 -23.65 -1.67 14.47
C LYS B 247 -24.33 -2.64 15.45
N GLU B 248 -23.77 -3.83 15.61
CA GLU B 248 -24.31 -4.84 16.52
C GLU B 248 -24.00 -4.56 17.98
N ILE B 249 -22.82 -4.01 18.26
CA ILE B 249 -22.41 -3.72 19.63
C ILE B 249 -22.39 -2.23 20.00
N PRO B 250 -22.39 -1.93 21.31
CA PRO B 250 -22.38 -0.55 21.82
C PRO B 250 -20.99 0.05 21.62
N SER B 251 -20.87 1.36 21.80
CA SER B 251 -19.58 2.03 21.65
C SER B 251 -18.61 1.41 22.65
N GLU B 252 -19.14 1.18 23.84
CA GLU B 252 -18.41 0.61 24.97
C GLU B 252 -17.62 -0.62 24.55
N GLU B 253 -18.27 -1.54 23.86
CA GLU B 253 -17.60 -2.76 23.41
C GLU B 253 -16.64 -2.44 22.27
N ARG B 254 -17.03 -1.51 21.41
CA ARG B 254 -16.20 -1.13 20.27
C ARG B 254 -14.79 -0.73 20.65
N SER B 255 -14.68 0.32 21.45
CA SER B 255 -13.37 0.80 21.89
C SER B 255 -12.70 -0.27 22.75
N LYS B 256 -13.52 -0.94 23.56
CA LYS B 256 -13.03 -1.98 24.46
C LYS B 256 -12.42 -3.15 23.70
N ARG B 257 -13.24 -3.79 22.86
CA ARG B 257 -12.80 -4.94 22.07
C ARG B 257 -11.68 -4.63 21.10
N PHE B 258 -11.60 -3.41 20.59
CA PHE B 258 -10.54 -3.05 19.65
C PHE B 258 -9.55 -2.00 20.15
N ARG B 259 -8.28 -2.32 19.93
CA ARG B 259 -7.17 -1.46 20.35
C ARG B 259 -7.12 -0.17 19.55
N GLN B 260 -7.23 -0.30 18.23
CA GLN B 260 -7.17 0.88 17.37
C GLN B 260 -8.40 1.79 17.41
N VAL B 261 -9.37 1.45 18.25
CA VAL B 261 -10.56 2.29 18.37
C VAL B 261 -10.48 3.10 19.66
N GLU B 262 -10.11 4.37 19.52
CA GLU B 262 -10.03 5.29 20.66
C GLU B 262 -11.39 5.29 21.36
N ASP B 263 -11.67 6.29 22.18
CA ASP B 263 -12.97 6.34 22.85
C ASP B 263 -13.79 7.54 22.43
N ARG B 264 -13.16 8.52 21.81
CA ARG B 264 -13.89 9.69 21.35
C ARG B 264 -14.58 9.31 20.03
N ARG B 265 -13.83 8.66 19.15
CA ARG B 265 -14.37 8.24 17.86
C ARG B 265 -15.26 7.00 18.06
N ALA B 266 -15.07 6.34 19.20
CA ALA B 266 -15.81 5.13 19.55
C ALA B 266 -17.29 5.12 19.15
N LYS B 267 -18.01 6.21 19.46
CA LYS B 267 -19.43 6.26 19.13
C LYS B 267 -19.67 6.72 17.70
N VAL B 268 -19.07 7.84 17.33
CA VAL B 268 -19.25 8.40 15.99
C VAL B 268 -18.55 7.60 14.89
N ILE B 269 -17.75 6.62 15.28
CA ILE B 269 -17.04 5.82 14.28
C ILE B 269 -17.96 5.18 13.25
N LEU B 270 -19.19 4.85 13.66
CA LEU B 270 -20.17 4.22 12.78
C LEU B 270 -20.69 5.10 11.63
N ALA B 271 -21.05 6.34 11.94
CA ALA B 271 -21.56 7.25 10.92
C ALA B 271 -20.54 7.42 9.80
N GLY B 272 -19.28 7.69 10.18
CA GLY B 272 -18.22 7.89 9.21
C GLY B 272 -18.08 6.70 8.30
N ILE B 273 -18.14 5.51 8.89
CA ILE B 273 -18.04 4.27 8.12
C ILE B 273 -19.25 4.19 7.18
N GLY B 274 -20.42 4.54 7.71
CA GLY B 274 -21.64 4.52 6.91
C GLY B 274 -21.48 5.42 5.70
N ILE B 275 -20.88 6.58 5.92
CA ILE B 275 -20.65 7.51 4.85
C ILE B 275 -19.88 6.82 3.69
N PHE B 276 -18.72 6.26 3.99
CA PHE B 276 -17.95 5.61 2.92
C PHE B 276 -18.68 4.49 2.19
N LEU B 277 -19.67 3.90 2.87
CA LEU B 277 -20.45 2.83 2.29
C LEU B 277 -21.41 3.41 1.25
N LYS B 278 -22.12 4.47 1.64
CA LYS B 278 -23.04 5.10 0.69
C LYS B 278 -22.28 5.66 -0.49
N THR B 279 -21.19 6.35 -0.21
CA THR B 279 -20.38 6.92 -1.29
C THR B 279 -20.06 5.88 -2.39
N LEU B 280 -19.55 4.74 -1.99
CA LEU B 280 -19.20 3.69 -2.94
C LEU B 280 -20.42 3.22 -3.72
N GLU B 281 -21.50 2.98 -2.99
CA GLU B 281 -22.75 2.53 -3.57
C GLU B 281 -23.32 3.43 -4.66
N ILE B 282 -23.48 4.72 -4.36
CA ILE B 282 -24.04 5.62 -5.33
C ILE B 282 -23.06 6.19 -6.32
N PHE B 283 -21.77 5.93 -6.12
CA PHE B 283 -20.77 6.37 -7.08
C PHE B 283 -20.55 5.14 -7.94
N GLU B 284 -21.20 4.06 -7.55
CA GLU B 284 -21.07 2.81 -8.27
C GLU B 284 -19.62 2.41 -8.45
N LYS B 285 -18.92 2.26 -7.32
CA LYS B 285 -17.52 1.85 -7.32
C LYS B 285 -17.36 0.76 -6.27
N ASP B 286 -16.55 -0.25 -6.58
CA ASP B 286 -16.36 -1.37 -5.66
C ASP B 286 -15.31 -1.17 -4.57
N CYS B 287 -14.47 -0.15 -4.70
CA CYS B 287 -13.44 0.07 -3.69
C CYS B 287 -12.82 1.45 -3.82
N LEU B 288 -12.06 1.81 -2.81
CA LEU B 288 -11.36 3.10 -2.78
C LEU B 288 -9.97 2.87 -2.26
N ILE B 289 -9.15 3.91 -2.29
CA ILE B 289 -7.79 3.84 -1.79
C ILE B 289 -7.71 4.71 -0.55
N VAL B 290 -6.94 4.25 0.44
CA VAL B 290 -6.75 5.01 1.66
C VAL B 290 -5.48 5.85 1.58
N SER B 291 -5.62 7.13 1.88
CA SER B 291 -4.50 8.04 1.87
C SER B 291 -4.26 8.44 3.33
N ASP B 292 -3.00 8.56 3.71
CA ASP B 292 -2.68 8.97 5.07
C ASP B 292 -2.40 10.45 4.97
N TRP B 293 -2.10 10.88 3.75
CA TRP B 293 -1.82 12.29 3.43
C TRP B 293 -3.08 13.12 3.38
N GLY B 294 -2.97 14.38 3.79
CA GLY B 294 -4.13 15.26 3.77
C GLY B 294 -3.76 16.71 3.62
N LEU B 295 -4.44 17.55 4.38
CA LEU B 295 -4.20 18.98 4.36
C LEU B 295 -2.72 19.32 4.55
N ARG B 296 -2.12 18.79 5.61
CA ARG B 296 -0.73 19.03 5.96
C ARG B 296 0.28 18.92 4.84
N GLU B 297 0.18 17.86 4.06
CA GLU B 297 1.10 17.65 2.95
C GLU B 297 0.63 18.43 1.74
N GLY B 298 -0.67 18.44 1.51
CA GLY B 298 -1.20 19.15 0.37
C GLY B 298 -0.66 20.57 0.37
N VAL B 299 -0.53 21.14 1.56
CA VAL B 299 0.00 22.49 1.71
C VAL B 299 1.46 22.55 1.27
N LEU B 300 2.25 21.53 1.61
CA LEU B 300 3.64 21.49 1.19
C LEU B 300 3.59 21.32 -0.29
N VAL B 301 2.69 20.45 -0.74
CA VAL B 301 2.54 20.22 -2.17
C VAL B 301 2.24 21.55 -2.87
N SER B 302 1.21 22.24 -2.37
CA SER B 302 0.76 23.51 -2.93
C SER B 302 1.84 24.42 -3.49
N GLU B 303 2.35 24.08 -4.67
CA GLU B 303 3.37 24.83 -5.40
C GLU B 303 4.11 23.86 -6.29
N VAL B 304 5.21 23.43 -5.88
PB G4P C . 14.74 -20.08 -8.66
O1B G4P C . 14.86 -18.82 -9.66
O2B G4P C . 15.97 -21.06 -9.01
O3B G4P C . 13.44 -20.77 -8.80
O3A G4P C . 14.98 -19.51 -7.18
PA G4P C . 16.44 -19.24 -6.56
O1A G4P C . 17.41 -20.43 -7.05
O2A G4P C . 16.40 -19.12 -5.09
O5' G4P C . 17.00 -17.91 -7.29
C5' G4P C . 16.12 -16.80 -7.51
C4' G4P C . 15.32 -16.44 -6.27
O4' G4P C . 16.22 -16.10 -5.20
C3' G4P C . 14.66 -15.10 -6.60
O3' G4P C . 13.86 -14.65 -5.51
C2' G4P C . 15.95 -14.27 -6.68
O2' G4P C . 15.65 -12.88 -6.61
C1' G4P C . 16.63 -14.74 -5.39
N9 G4P C . 18.10 -14.62 -5.50
C8 G4P C . 18.85 -15.34 -6.34
N7 G4P C . 20.14 -15.06 -6.10
C5 G4P C . 20.20 -14.18 -5.11
C6 G4P C . 21.26 -13.54 -4.47
O6 G4P C . 22.42 -13.79 -4.78
N1 G4P C . 20.97 -12.63 -3.46
C2 G4P C . 19.64 -12.37 -3.12
N2 G4P C . 19.36 -11.49 -2.16
N3 G4P C . 18.64 -13.01 -3.75
C4 G4P C . 18.89 -13.89 -4.73
PC G4P C . 12.47 -13.91 -5.83
O1C G4P C . 11.35 -14.65 -4.93
O2C G4P C . 12.53 -12.46 -5.58
O3C G4P C . 12.12 -14.28 -7.36
PD G4P C . 12.44 -13.19 -8.51
O1D G4P C . 13.63 -12.14 -8.25
O2D G4P C . 11.05 -12.65 -9.11
O3D G4P C . 12.99 -14.01 -9.61
#